data_1RWW
#
_entry.id   1RWW
#
_cell.length_a   62.962
_cell.length_b   62.962
_cell.length_c   161.401
_cell.angle_alpha   90.00
_cell.angle_beta   90.00
_cell.angle_gamma   90.00
#
_symmetry.space_group_name_H-M   'P 43 21 2'
#
loop_
_entity.id
_entity.type
_entity.pdbx_description
1 polymer 'Interleukin-1 beta convertase'
2 polymer 'Interleukin-1 beta convertase'
3 non-polymer '4-OXO-3-[(6-{[4-(QUINOXALIN-2-YLAMINO)-BENZOYLAMINO]-METHYL}-PYRIDINE-3-CARBONYL)-AMINO]-BUTYRIC ACID'
4 water water
#
loop_
_entity_poly.entity_id
_entity_poly.type
_entity_poly.pdbx_seq_one_letter_code
_entity_poly.pdbx_strand_id
1 'polypeptide(L)'
;NPAMPTSSGSEGNVKLCSLEEAQRIWKQKSAEIYPIMDKSSRTRLALIICNEEFDSIPRRTGAEVDITGMTMLLQNLGYS
VDVKKNLTASDMTTELEAFAHRPEHKTSDSTFLVFMSHGIREGICGKKHSEQVPDILQLNAIFNMLNTKNCPSLKDKPKV
IIIQACRGDSPGVVWFKD
;
A
2 'polypeptide(L)'
;AIKKAHIEKDFIAFCSSTPDNVSWRHPTMGSVFIGRLIEHMQEYACSCDVEEIFRKVRFSFEQPDGRAQMPTTERVTLTR
CFYLFPGH
;
B
#
loop_
_chem_comp.id
_chem_comp.type
_chem_comp.name
_chem_comp.formula
OQB non-polymer '4-OXO-3-[(6-{[4-(QUINOXALIN-2-YLAMINO)-BENZOYLAMINO]-METHYL}-PYRIDINE-3-CARBONYL)-AMINO]-BUTYRIC ACID' 'C26 H22 N6 O5'
#
# COMPACT_ATOMS: atom_id res chain seq x y z
N MET A 4 -4.70 28.98 -9.89
CA MET A 4 -4.70 28.44 -8.51
C MET A 4 -5.18 27.00 -8.50
N PRO A 5 -4.33 26.08 -8.02
CA PRO A 5 -4.69 24.66 -7.96
C PRO A 5 -5.84 24.47 -6.99
N THR A 6 -6.68 23.47 -7.23
CA THR A 6 -7.91 23.31 -6.49
C THR A 6 -8.18 21.85 -6.12
N SER A 7 -8.54 21.63 -4.85
CA SER A 7 -8.81 20.28 -4.34
C SER A 7 -10.25 19.83 -4.59
N SER A 8 -11.01 20.68 -5.28
CA SER A 8 -12.39 20.37 -5.66
C SER A 8 -12.45 19.32 -6.76
N GLY A 9 -11.35 19.22 -7.53
CA GLY A 9 -11.21 18.22 -8.59
C GLY A 9 -11.04 16.81 -8.07
N SER A 10 -11.01 15.85 -8.99
CA SER A 10 -11.02 14.41 -8.66
C SER A 10 -9.73 13.94 -7.98
N GLU A 11 -8.65 14.69 -8.19
CA GLU A 11 -7.36 14.37 -7.59
C GLU A 11 -7.17 14.99 -6.20
N GLY A 12 -8.13 15.83 -5.79
CA GLY A 12 -8.16 16.40 -4.45
C GLY A 12 -6.87 17.09 -4.04
N ASN A 13 -6.32 16.65 -2.91
CA ASN A 13 -5.11 17.25 -2.34
C ASN A 13 -3.80 16.75 -2.97
N VAL A 14 -3.92 15.86 -3.95
CA VAL A 14 -2.75 15.31 -4.65
C VAL A 14 -2.25 16.29 -5.71
N LYS A 15 -0.99 16.71 -5.59
CA LYS A 15 -0.37 17.63 -6.55
C LYS A 15 -0.31 17.02 -7.94
N LEU A 16 -0.75 17.78 -8.93
CA LEU A 16 -0.83 17.30 -10.31
C LEU A 16 0.53 17.27 -11.00
N CYS A 17 0.65 16.37 -11.98
CA CYS A 17 1.84 16.29 -12.82
C CYS A 17 1.55 17.02 -14.12
N SER A 18 2.23 18.14 -14.33
CA SER A 18 2.05 18.95 -15.54
C SER A 18 2.46 18.19 -16.80
N LEU A 19 1.92 18.61 -17.95
CA LEU A 19 2.24 17.99 -19.23
C LEU A 19 3.73 18.05 -19.57
N GLU A 20 4.40 19.11 -19.11
CA GLU A 20 5.84 19.25 -19.26
C GLU A 20 6.59 18.28 -18.35
N GLU A 21 6.11 18.14 -17.12
CA GLU A 21 6.68 17.22 -16.13
C GLU A 21 6.59 15.78 -16.62
N ALA A 22 5.45 15.41 -17.18
CA ALA A 22 5.24 14.08 -17.73
C ALA A 22 6.16 13.77 -18.90
N GLN A 23 6.46 14.80 -19.71
CA GLN A 23 7.35 14.67 -20.86
C GLN A 23 8.81 14.63 -20.44
N ARG A 24 9.16 15.39 -19.40
CA ARG A 24 10.51 15.41 -18.85
C ARG A 24 10.89 14.06 -18.22
N ILE A 25 9.97 13.46 -17.49
CA ILE A 25 10.17 12.15 -16.86
C ILE A 25 10.29 11.05 -17.94
N TRP A 26 9.45 11.15 -18.97
CA TRP A 26 9.48 10.22 -20.11
C TRP A 26 10.75 10.34 -20.95
N LYS A 27 11.57 11.35 -20.66
CA LYS A 27 12.85 11.56 -21.33
C LYS A 27 14.04 11.25 -20.43
N GLN A 28 14.01 11.78 -19.20
CA GLN A 28 15.07 11.56 -18.21
C GLN A 28 15.28 10.06 -17.93
N LYS A 29 14.17 9.34 -17.79
CA LYS A 29 14.21 7.88 -17.73
C LYS A 29 13.62 7.30 -19.02
N SER A 30 14.33 6.34 -19.60
CA SER A 30 13.98 5.76 -20.89
C SER A 30 12.75 4.84 -20.83
N ALA A 31 12.82 3.71 -21.55
CA ALA A 31 11.79 2.68 -21.51
C ALA A 31 11.91 1.85 -20.24
N GLU A 32 12.08 2.56 -19.13
CA GLU A 32 12.23 1.95 -17.81
C GLU A 32 11.14 2.47 -16.87
N ILE A 33 10.04 2.92 -17.47
CA ILE A 33 8.83 3.32 -16.74
C ILE A 33 7.69 2.37 -17.09
N TYR A 34 6.88 2.03 -16.09
CA TYR A 34 5.70 1.19 -16.31
C TYR A 34 4.71 1.98 -17.17
N PRO A 35 4.20 1.33 -18.22
CA PRO A 35 3.22 1.96 -19.12
C PRO A 35 1.91 2.34 -18.44
N ILE A 36 1.45 3.57 -18.67
CA ILE A 36 0.19 4.03 -18.11
C ILE A 36 -0.90 3.94 -19.17
N MET A 37 -2.01 3.30 -18.81
CA MET A 37 -3.12 3.09 -19.74
C MET A 37 -3.95 4.35 -19.93
N ASP A 38 -4.56 4.47 -21.11
CA ASP A 38 -5.45 5.57 -21.47
C ASP A 38 -6.45 5.89 -20.36
N LYS A 39 -6.49 7.14 -19.93
CA LYS A 39 -7.34 7.53 -18.80
C LYS A 39 -8.83 7.28 -19.07
N SER A 40 -9.25 7.54 -20.30
CA SER A 40 -10.65 7.47 -20.69
C SER A 40 -11.26 6.06 -20.62
N SER A 41 -10.42 5.03 -20.66
CA SER A 41 -10.89 3.66 -20.78
C SER A 41 -10.37 2.69 -19.71
N ARG A 42 -9.50 3.16 -18.83
CA ARG A 42 -8.88 2.27 -17.83
C ARG A 42 -9.73 2.06 -16.58
N THR A 43 -9.74 0.82 -16.11
CA THR A 43 -10.55 0.44 -14.96
C THR A 43 -9.64 0.04 -13.81
N ARG A 44 -9.09 1.06 -13.13
CA ARG A 44 -8.14 0.84 -12.05
C ARG A 44 -8.83 0.39 -10.77
N LEU A 45 -8.28 -0.64 -10.13
CA LEU A 45 -8.86 -1.20 -8.91
C LEU A 45 -7.90 -1.12 -7.73
N ALA A 46 -8.45 -0.86 -6.55
CA ALA A 46 -7.71 -0.91 -5.29
C ALA A 46 -8.57 -1.57 -4.20
N LEU A 47 -7.91 -2.23 -3.25
CA LEU A 47 -8.60 -2.91 -2.16
C LEU A 47 -8.03 -2.51 -0.80
N ILE A 48 -8.92 -2.13 0.11
CA ILE A 48 -8.54 -1.87 1.49
C ILE A 48 -9.22 -2.87 2.42
N ILE A 49 -8.40 -3.64 3.12
CA ILE A 49 -8.88 -4.49 4.20
C ILE A 49 -8.41 -3.89 5.52
N CYS A 50 -9.36 -3.37 6.28
CA CYS A 50 -9.08 -2.77 7.57
C CYS A 50 -9.82 -3.50 8.68
N ASN A 51 -9.11 -3.82 9.76
CA ASN A 51 -9.71 -4.43 10.93
C ASN A 51 -9.64 -3.49 12.12
N GLU A 52 -10.80 -3.14 12.68
CA GLU A 52 -10.88 -2.20 13.80
C GLU A 52 -11.41 -2.87 15.08
N GLU A 53 -12.51 -3.60 14.96
CA GLU A 53 -13.09 -4.34 16.08
C GLU A 53 -12.54 -5.75 16.10
N PHE A 54 -11.99 -6.15 17.24
CA PHE A 54 -11.45 -7.49 17.40
C PHE A 54 -12.10 -8.18 18.59
N ASP A 55 -12.25 -9.50 18.49
CA ASP A 55 -12.87 -10.29 19.56
C ASP A 55 -12.12 -10.18 20.88
N SER A 56 -10.80 -10.39 20.84
CA SER A 56 -9.99 -10.49 22.04
C SER A 56 -8.96 -9.38 22.21
N ILE A 57 -8.33 -8.98 21.11
CA ILE A 57 -7.30 -7.94 21.14
C ILE A 57 -7.92 -6.53 21.08
N PRO A 58 -7.25 -5.52 21.67
CA PRO A 58 -7.82 -4.17 21.82
C PRO A 58 -8.24 -3.49 20.51
N ARG A 59 -9.25 -2.63 20.62
CA ARG A 59 -9.85 -1.95 19.47
C ARG A 59 -8.93 -0.89 18.88
N ARG A 60 -8.76 -0.94 17.55
CA ARG A 60 -7.87 -0.04 16.84
C ARG A 60 -8.48 1.35 16.63
N THR A 61 -8.64 2.09 17.73
CA THR A 61 -9.21 3.43 17.69
C THR A 61 -8.42 4.32 16.74
N GLY A 62 -9.14 4.98 15.82
CA GLY A 62 -8.54 5.84 14.81
C GLY A 62 -8.48 5.23 13.43
N ALA A 63 -8.79 3.95 13.32
CA ALA A 63 -8.73 3.23 12.04
C ALA A 63 -9.66 3.82 10.98
N GLU A 64 -10.75 4.44 11.43
CA GLU A 64 -11.71 5.09 10.53
C GLU A 64 -11.09 6.28 9.82
N VAL A 65 -10.17 6.96 10.50
CA VAL A 65 -9.46 8.09 9.92
C VAL A 65 -8.47 7.61 8.87
N ASP A 66 -7.96 6.39 9.07
CA ASP A 66 -7.06 5.75 8.12
C ASP A 66 -7.78 5.30 6.86
N ILE A 67 -8.96 4.71 7.04
CA ILE A 67 -9.82 4.29 5.92
C ILE A 67 -10.22 5.48 5.05
N THR A 68 -10.68 6.55 5.70
CA THR A 68 -11.09 7.77 5.00
C THR A 68 -9.97 8.30 4.12
N GLY A 69 -8.77 8.42 4.71
CA GLY A 69 -7.62 9.00 4.04
C GLY A 69 -7.08 8.15 2.90
N MET A 70 -6.94 6.85 3.15
CA MET A 70 -6.43 5.92 2.15
C MET A 70 -7.40 5.74 0.98
N THR A 71 -8.69 5.62 1.31
CA THR A 71 -9.74 5.48 0.29
C THR A 71 -9.74 6.68 -0.65
N MET A 72 -9.72 7.88 -0.07
CA MET A 72 -9.70 9.10 -0.86
C MET A 72 -8.42 9.24 -1.67
N LEU A 73 -7.28 8.86 -1.10
CA LEU A 73 -5.99 9.01 -1.80
C LEU A 73 -5.89 8.11 -3.03
N LEU A 74 -6.29 6.84 -2.89
CA LEU A 74 -6.27 5.91 -4.01
C LEU A 74 -7.24 6.35 -5.11
N GLN A 75 -8.34 6.99 -4.70
CA GLN A 75 -9.31 7.54 -5.63
C GLN A 75 -8.71 8.73 -6.38
N ASN A 76 -8.07 9.64 -5.63
CA ASN A 76 -7.33 10.75 -6.21
C ASN A 76 -6.33 10.30 -7.27
N LEU A 77 -5.72 9.14 -7.03
CA LEU A 77 -4.73 8.56 -7.93
C LEU A 77 -5.37 7.79 -9.09
N GLY A 78 -6.68 7.57 -9.00
CA GLY A 78 -7.44 7.00 -10.11
C GLY A 78 -8.03 5.62 -9.89
N TYR A 79 -7.89 5.08 -8.68
CA TYR A 79 -8.33 3.72 -8.38
C TYR A 79 -9.74 3.67 -7.78
N SER A 80 -10.53 2.70 -8.20
CA SER A 80 -11.79 2.38 -7.55
C SER A 80 -11.49 1.56 -6.31
N VAL A 81 -11.97 2.03 -5.17
CA VAL A 81 -11.56 1.49 -3.89
C VAL A 81 -12.64 0.64 -3.25
N ASP A 82 -12.29 -0.60 -2.98
CA ASP A 82 -13.15 -1.56 -2.29
C ASP A 82 -12.72 -1.55 -0.83
N VAL A 83 -13.66 -1.30 0.08
CA VAL A 83 -13.35 -1.28 1.51
C VAL A 83 -14.00 -2.45 2.23
N LYS A 84 -13.16 -3.32 2.81
CA LYS A 84 -13.64 -4.46 3.58
C LYS A 84 -13.18 -4.33 5.02
N LYS A 85 -14.07 -4.70 5.95
CA LYS A 85 -13.85 -4.46 7.37
C LYS A 85 -14.01 -5.70 8.23
N ASN A 86 -13.28 -5.73 9.34
CA ASN A 86 -13.35 -6.80 10.34
C ASN A 86 -13.47 -8.21 9.76
N LEU A 87 -12.37 -8.67 9.16
CA LEU A 87 -12.33 -9.97 8.50
C LEU A 87 -11.33 -10.91 9.16
N THR A 88 -11.67 -12.20 9.20
CA THR A 88 -10.73 -13.22 9.65
C THR A 88 -9.69 -13.43 8.56
N ALA A 89 -8.58 -14.08 8.90
CA ALA A 89 -7.55 -14.42 7.92
C ALA A 89 -8.14 -15.23 6.78
N SER A 90 -9.16 -16.03 7.11
CA SER A 90 -9.90 -16.81 6.12
C SER A 90 -10.72 -15.93 5.19
N ASP A 91 -11.40 -14.94 5.75
CA ASP A 91 -12.17 -13.97 4.97
C ASP A 91 -11.26 -13.16 4.06
N MET A 92 -10.12 -12.75 4.60
CA MET A 92 -9.14 -11.94 3.87
C MET A 92 -8.64 -12.70 2.64
N THR A 93 -8.30 -13.97 2.82
CA THR A 93 -7.93 -14.85 1.72
C THR A 93 -9.02 -14.92 0.65
N THR A 94 -10.26 -15.16 1.09
CA THR A 94 -11.42 -15.23 0.20
C THR A 94 -11.62 -13.94 -0.60
N GLU A 95 -11.49 -12.80 0.08
CA GLU A 95 -11.62 -11.48 -0.50
C GLU A 95 -10.49 -11.17 -1.47
N LEU A 96 -9.26 -11.53 -1.09
CA LEU A 96 -8.10 -11.41 -1.96
C LEU A 96 -8.26 -12.22 -3.26
N GLU A 97 -8.73 -13.45 -3.12
CA GLU A 97 -9.04 -14.32 -4.24
C GLU A 97 -10.08 -13.66 -5.16
N ALA A 98 -11.11 -13.08 -4.56
CA ALA A 98 -12.16 -12.37 -5.29
C ALA A 98 -11.61 -11.15 -6.04
N PHE A 99 -10.65 -10.46 -5.41
CA PHE A 99 -9.98 -9.30 -6.00
C PHE A 99 -9.15 -9.69 -7.23
N ALA A 100 -8.43 -10.80 -7.12
CA ALA A 100 -7.58 -11.29 -8.20
C ALA A 100 -8.40 -11.83 -9.36
N HIS A 101 -9.71 -12.00 -9.14
CA HIS A 101 -10.60 -12.52 -10.15
C HIS A 101 -11.45 -11.44 -10.81
N ARG A 102 -11.23 -10.18 -10.41
CA ARG A 102 -12.00 -9.07 -10.98
C ARG A 102 -11.58 -8.81 -12.43
N PRO A 103 -12.56 -8.76 -13.33
CA PRO A 103 -12.27 -8.59 -14.76
C PRO A 103 -11.58 -7.26 -15.11
N GLU A 104 -11.80 -6.24 -14.28
CA GLU A 104 -11.26 -4.89 -14.51
C GLU A 104 -9.72 -4.84 -14.54
N HIS A 105 -9.07 -5.80 -13.88
CA HIS A 105 -7.60 -5.91 -13.90
C HIS A 105 -7.06 -6.09 -15.31
N LYS A 106 -7.88 -6.69 -16.18
CA LYS A 106 -7.56 -6.83 -17.60
C LYS A 106 -7.36 -5.48 -18.27
N THR A 107 -8.25 -4.52 -17.97
CA THR A 107 -8.15 -3.17 -18.51
C THR A 107 -7.62 -2.18 -17.47
N SER A 108 -6.64 -2.62 -16.68
CA SER A 108 -5.94 -1.74 -15.74
C SER A 108 -4.43 -1.84 -15.91
N ASP A 109 -3.71 -0.87 -15.35
CA ASP A 109 -2.25 -0.80 -15.50
C ASP A 109 -1.51 -1.07 -14.19
N SER A 110 -2.24 -1.10 -13.08
CA SER A 110 -1.66 -1.21 -11.75
C SER A 110 -2.72 -1.50 -10.68
N THR A 111 -2.26 -1.88 -9.48
CA THR A 111 -3.15 -2.08 -8.34
C THR A 111 -2.49 -1.72 -7.01
N PHE A 112 -3.31 -1.28 -6.07
CA PHE A 112 -2.89 -1.02 -4.70
C PHE A 112 -3.67 -1.95 -3.75
N LEU A 113 -2.95 -2.65 -2.89
CA LEU A 113 -3.54 -3.44 -1.84
C LEU A 113 -3.15 -2.81 -0.52
N VAL A 114 -4.13 -2.57 0.35
CA VAL A 114 -3.87 -1.94 1.65
C VAL A 114 -4.41 -2.81 2.77
N PHE A 115 -3.53 -3.22 3.68
CA PHE A 115 -3.95 -3.95 4.87
C PHE A 115 -3.65 -3.13 6.12
N MET A 116 -4.70 -2.87 6.90
CA MET A 116 -4.57 -2.16 8.15
C MET A 116 -5.23 -2.98 9.23
N SER A 117 -4.43 -3.42 10.20
CA SER A 117 -4.88 -4.29 11.27
C SER A 117 -3.82 -4.38 12.36
N HIS A 118 -4.11 -5.16 13.41
CA HIS A 118 -3.09 -5.57 14.35
C HIS A 118 -2.16 -6.53 13.63
N GLY A 119 -0.98 -6.75 14.18
CA GLY A 119 -0.02 -7.66 13.57
C GLY A 119 1.00 -8.19 14.54
N ILE A 120 1.39 -9.44 14.33
CA ILE A 120 2.49 -10.05 15.07
C ILE A 120 3.64 -10.31 14.10
N ARG A 121 4.72 -10.90 14.62
CA ARG A 121 5.91 -11.20 13.83
C ARG A 121 5.61 -11.96 12.53
N GLU A 122 4.69 -12.92 12.60
CA GLU A 122 4.43 -13.83 11.49
C GLU A 122 3.51 -13.28 10.39
N GLY A 123 2.69 -12.27 10.73
CA GLY A 123 1.79 -11.67 9.76
C GLY A 123 0.71 -10.78 10.33
N ILE A 124 -0.34 -10.57 9.53
CA ILE A 124 -1.45 -9.66 9.86
C ILE A 124 -2.57 -10.40 10.60
N CYS A 125 -3.15 -9.73 11.59
CA CYS A 125 -4.16 -10.33 12.47
C CYS A 125 -5.58 -10.25 11.94
N GLY A 126 -6.27 -11.39 11.92
CA GLY A 126 -7.69 -11.43 11.67
C GLY A 126 -8.47 -11.02 12.91
N LYS A 127 -9.77 -10.81 12.76
CA LYS A 127 -10.60 -10.34 13.87
C LYS A 127 -10.70 -11.32 15.03
N LYS A 128 -10.50 -12.60 14.74
CA LYS A 128 -10.63 -13.67 15.71
C LYS A 128 -9.28 -14.09 16.31
N HIS A 129 -8.30 -13.21 16.27
CA HIS A 129 -6.96 -13.55 16.73
C HIS A 129 -6.82 -13.51 18.24
N SER A 130 -6.20 -14.56 18.78
CA SER A 130 -5.74 -14.60 20.16
C SER A 130 -4.46 -15.43 20.23
N GLU A 131 -3.80 -15.43 21.39
CA GLU A 131 -2.56 -16.18 21.57
C GLU A 131 -2.79 -17.69 21.47
N GLN A 132 -3.91 -18.15 22.03
CA GLN A 132 -4.24 -19.58 22.03
C GLN A 132 -4.70 -20.06 20.65
N VAL A 133 -5.54 -19.25 20.00
CA VAL A 133 -6.00 -19.53 18.65
C VAL A 133 -5.62 -18.37 17.73
N PRO A 134 -4.45 -18.46 17.10
CA PRO A 134 -3.98 -17.42 16.19
C PRO A 134 -4.85 -17.30 14.93
N ASP A 135 -5.06 -16.07 14.48
CA ASP A 135 -5.77 -15.80 13.24
C ASP A 135 -4.93 -14.87 12.35
N ILE A 136 -3.97 -15.47 11.66
CA ILE A 136 -2.93 -14.72 10.95
C ILE A 136 -2.95 -14.91 9.44
N LEU A 137 -2.82 -13.80 8.71
CA LEU A 137 -2.54 -13.84 7.28
C LEU A 137 -1.10 -13.47 7.05
N GLN A 138 -0.36 -14.40 6.45
CA GLN A 138 1.05 -14.20 6.14
C GLN A 138 1.22 -13.30 4.90
N LEU A 139 2.19 -12.41 4.97
CA LEU A 139 2.56 -11.56 3.84
C LEU A 139 2.86 -12.39 2.59
N ASN A 140 3.51 -13.54 2.80
CA ASN A 140 3.76 -14.51 1.74
C ASN A 140 2.49 -14.91 1.00
N ALA A 141 1.38 -15.05 1.73
CA ALA A 141 0.10 -15.47 1.16
C ALA A 141 -0.51 -14.41 0.23
N ILE A 142 -0.44 -13.14 0.64
CA ILE A 142 -0.90 -12.02 -0.17
C ILE A 142 -0.21 -12.03 -1.54
N PHE A 143 1.12 -12.19 -1.51
CA PHE A 143 1.94 -12.21 -2.73
C PHE A 143 1.58 -13.36 -3.67
N ASN A 144 1.39 -14.56 -3.11
CA ASN A 144 1.03 -15.73 -3.88
C ASN A 144 -0.28 -15.57 -4.64
N MET A 145 -1.23 -14.89 -4.00
CA MET A 145 -2.57 -14.69 -4.54
C MET A 145 -2.63 -13.65 -5.65
N LEU A 146 -1.68 -12.72 -5.63
CA LEU A 146 -1.62 -11.65 -6.62
C LEU A 146 -0.57 -11.90 -7.72
N ASN A 147 0.20 -12.97 -7.57
CA ASN A 147 1.25 -13.28 -8.55
C ASN A 147 0.70 -13.80 -9.88
N THR A 148 1.58 -13.96 -10.87
CA THR A 148 1.18 -14.29 -12.24
C THR A 148 0.40 -15.60 -12.40
N LYS A 149 0.68 -16.56 -11.52
CA LYS A 149 -0.03 -17.83 -11.52
C LYS A 149 -1.50 -17.64 -11.15
N ASN A 150 -1.74 -16.89 -10.07
CA ASN A 150 -3.09 -16.74 -9.53
C ASN A 150 -3.80 -15.46 -9.95
N CYS A 151 -3.09 -14.62 -10.68
CA CYS A 151 -3.60 -13.34 -11.14
C CYS A 151 -2.89 -12.92 -12.43
N PRO A 152 -3.12 -13.66 -13.51
CA PRO A 152 -2.50 -13.36 -14.82
C PRO A 152 -2.87 -11.98 -15.39
N SER A 153 -4.02 -11.46 -14.99
CA SER A 153 -4.48 -10.14 -15.42
C SER A 153 -3.54 -9.03 -14.99
N LEU A 154 -2.78 -9.27 -13.92
CA LEU A 154 -1.88 -8.26 -13.40
C LEU A 154 -0.42 -8.53 -13.76
N LYS A 155 -0.22 -9.49 -14.65
CA LYS A 155 1.10 -9.76 -15.24
C LYS A 155 1.72 -8.46 -15.78
N ASP A 156 2.98 -8.23 -15.45
CA ASP A 156 3.75 -7.06 -15.92
C ASP A 156 3.23 -5.71 -15.39
N LYS A 157 2.42 -5.76 -14.33
CA LYS A 157 1.79 -4.54 -13.81
C LYS A 157 2.15 -4.36 -12.35
N PRO A 158 2.53 -3.14 -11.98
CA PRO A 158 2.91 -2.85 -10.58
C PRO A 158 1.79 -3.25 -9.62
N LYS A 159 2.15 -3.98 -8.58
CA LYS A 159 1.21 -4.30 -7.50
C LYS A 159 1.81 -3.79 -6.22
N VAL A 160 1.25 -2.68 -5.72
CA VAL A 160 1.72 -2.06 -4.48
C VAL A 160 0.90 -2.55 -3.30
N ILE A 161 1.59 -3.16 -2.33
CA ILE A 161 0.99 -3.65 -1.09
C ILE A 161 1.45 -2.78 0.08
N ILE A 162 0.50 -2.25 0.84
CA ILE A 162 0.78 -1.37 1.97
C ILE A 162 0.22 -1.98 3.24
N ILE A 163 1.07 -2.12 4.26
CA ILE A 163 0.66 -2.70 5.52
C ILE A 163 0.90 -1.76 6.69
N GLN A 164 -0.19 -1.42 7.38
CA GLN A 164 -0.12 -0.76 8.66
C GLN A 164 -0.44 -1.81 9.73
N ALA A 165 0.61 -2.24 10.44
CA ALA A 165 0.50 -3.23 11.51
C ALA A 165 1.79 -3.30 12.31
N CYS A 166 1.69 -3.74 13.56
CA CYS A 166 2.88 -4.05 14.35
C CYS A 166 3.51 -5.32 13.80
N ARG A 167 4.77 -5.54 14.13
CA ARG A 167 5.46 -6.74 13.68
C ARG A 167 6.15 -7.44 14.85
N GLY A 168 5.58 -7.24 16.03
CA GLY A 168 6.18 -7.66 17.29
C GLY A 168 5.94 -6.62 18.36
N ASP A 169 6.46 -6.86 19.56
CA ASP A 169 6.15 -6.04 20.72
C ASP A 169 7.20 -4.96 21.04
N SER A 170 8.31 -4.96 20.30
CA SER A 170 9.45 -4.09 20.62
C SER A 170 9.29 -2.65 20.14
N PRO A 171 9.85 -1.70 20.88
CA PRO A 171 9.75 -0.27 20.51
C PRO A 171 10.67 0.11 19.33
N GLY A 172 11.60 -0.77 18.96
CA GLY A 172 12.42 -0.56 17.77
C GLY A 172 13.54 0.44 17.92
N VAL A 173 14.05 0.60 19.14
CA VAL A 173 15.05 1.62 19.42
C VAL A 173 16.19 1.13 20.31
N VAL A 174 17.35 1.73 20.11
CA VAL A 174 18.53 1.49 20.95
C VAL A 174 19.15 2.85 21.36
N TRP A 175 19.71 2.91 22.57
CA TRP A 175 20.29 4.13 23.07
C TRP A 175 21.74 4.28 22.61
N PHE A 176 22.11 5.51 22.29
CA PHE A 176 23.50 5.86 22.02
C PHE A 176 23.82 7.19 22.68
N LYS A 177 25.06 7.37 23.11
CA LYS A 177 25.49 8.66 23.66
C LYS A 177 26.29 9.45 22.62
N ASP A 178 26.14 10.77 22.65
CA ASP A 178 26.93 11.65 21.79
C ASP A 178 28.35 11.82 22.34
N ALA B 1 0.85 -20.40 -29.54
CA ALA B 1 2.19 -20.59 -28.92
C ALA B 1 2.21 -20.08 -27.49
N ILE B 2 2.73 -20.91 -26.59
CA ILE B 2 2.86 -20.54 -25.19
C ILE B 2 4.26 -20.02 -24.88
N LYS B 3 4.33 -19.01 -24.03
CA LYS B 3 5.59 -18.42 -23.62
C LYS B 3 5.73 -18.41 -22.09
N LYS B 4 6.97 -18.40 -21.62
CA LYS B 4 7.24 -18.37 -20.18
C LYS B 4 7.15 -16.97 -19.60
N ALA B 5 6.63 -16.88 -18.38
CA ALA B 5 6.58 -15.65 -17.61
C ALA B 5 7.07 -15.92 -16.20
N HIS B 6 7.75 -14.94 -15.59
CA HIS B 6 8.14 -15.02 -14.18
C HIS B 6 6.89 -15.13 -13.34
N ILE B 7 6.87 -16.10 -12.42
CA ILE B 7 5.72 -16.31 -11.53
C ILE B 7 5.46 -15.10 -10.60
N GLU B 8 6.53 -14.41 -10.22
CA GLU B 8 6.45 -13.28 -9.31
C GLU B 8 7.29 -12.12 -9.83
N LYS B 9 6.62 -11.01 -10.10
CA LYS B 9 7.24 -9.83 -10.71
C LYS B 9 6.36 -8.60 -10.51
N ASP B 10 7.00 -7.43 -10.50
CA ASP B 10 6.31 -6.14 -10.42
C ASP B 10 5.56 -5.95 -9.09
N PHE B 11 6.18 -6.39 -8.00
CA PHE B 11 5.65 -6.24 -6.66
C PHE B 11 6.42 -5.22 -5.84
N ILE B 12 5.75 -4.54 -4.93
CA ILE B 12 6.40 -3.76 -3.88
C ILE B 12 5.54 -3.71 -2.61
N ALA B 13 6.09 -4.21 -1.51
CA ALA B 13 5.43 -4.11 -0.21
C ALA B 13 6.03 -2.95 0.59
N PHE B 14 5.17 -2.22 1.30
CA PHE B 14 5.61 -1.17 2.21
C PHE B 14 4.95 -1.39 3.58
N CYS B 15 5.76 -1.81 4.55
CA CYS B 15 5.31 -2.03 5.91
C CYS B 15 5.53 -0.80 6.79
N SER B 16 4.82 -0.73 7.91
CA SER B 16 4.83 0.46 8.77
C SER B 16 6.03 0.51 9.74
N SER B 17 6.61 -0.66 10.00
CA SER B 17 7.77 -0.77 10.88
C SER B 17 8.67 -1.91 10.42
N THR B 18 9.85 -2.00 11.03
CA THR B 18 10.77 -3.11 10.80
C THR B 18 10.32 -4.32 11.61
N PRO B 19 10.69 -5.52 11.17
CA PRO B 19 10.35 -6.75 11.91
C PRO B 19 10.67 -6.66 13.41
N ASP B 20 9.83 -7.31 14.22
CA ASP B 20 9.91 -7.31 15.69
C ASP B 20 9.33 -6.06 16.36
N ASN B 21 9.05 -5.02 15.58
CA ASN B 21 8.71 -3.71 16.15
C ASN B 21 7.28 -3.20 15.94
N VAL B 22 6.83 -2.35 16.87
CA VAL B 22 5.47 -1.82 16.86
C VAL B 22 5.30 -0.67 15.86
N SER B 23 4.06 -0.42 15.49
CA SER B 23 3.69 0.76 14.72
C SER B 23 2.65 1.56 15.50
N TRP B 24 2.83 2.88 15.52
CA TRP B 24 2.06 3.75 16.41
C TRP B 24 0.79 4.30 15.76
N ARG B 25 -0.18 4.66 16.60
CA ARG B 25 -1.51 5.03 16.16
C ARG B 25 -2.18 6.00 17.15
N HIS B 26 -2.74 7.08 16.63
CA HIS B 26 -3.44 8.10 17.42
C HIS B 26 -4.97 7.90 17.33
N PRO B 27 -5.67 7.91 18.47
CA PRO B 27 -7.11 7.62 18.50
C PRO B 27 -7.99 8.51 17.64
N THR B 28 -7.56 9.75 17.38
CA THR B 28 -8.35 10.68 16.58
C THR B 28 -7.64 11.08 15.29
N MET B 29 -6.34 10.81 15.22
CA MET B 29 -5.54 11.22 14.07
C MET B 29 -5.18 10.07 13.13
N GLY B 30 -5.41 8.83 13.58
CA GLY B 30 -5.16 7.65 12.79
C GLY B 30 -3.79 7.05 13.03
N SER B 31 -3.26 6.34 12.03
CA SER B 31 -1.94 5.74 12.12
C SER B 31 -0.85 6.69 11.65
N VAL B 32 0.28 6.70 12.35
CA VAL B 32 1.37 7.60 12.03
C VAL B 32 1.94 7.32 10.64
N PHE B 33 2.12 6.03 10.33
CA PHE B 33 2.62 5.61 9.01
C PHE B 33 1.66 5.99 7.90
N ILE B 34 0.38 5.69 8.09
CA ILE B 34 -0.65 5.98 7.07
C ILE B 34 -0.74 7.47 6.77
N GLY B 35 -0.76 8.28 7.82
CA GLY B 35 -0.82 9.74 7.69
C GLY B 35 0.37 10.29 6.94
N ARG B 36 1.55 9.76 7.26
CA ARG B 36 2.79 10.20 6.63
C ARG B 36 2.84 9.79 5.17
N LEU B 37 2.28 8.63 4.86
CA LEU B 37 2.24 8.12 3.50
C LEU B 37 1.31 8.95 2.62
N ILE B 38 0.15 9.31 3.16
CA ILE B 38 -0.78 10.19 2.45
C ILE B 38 -0.14 11.56 2.14
N GLU B 39 0.53 12.13 3.13
CA GLU B 39 1.26 13.39 2.96
C GLU B 39 2.27 13.30 1.81
N HIS B 40 3.11 12.27 1.85
CA HIS B 40 4.17 12.11 0.86
C HIS B 40 3.67 11.76 -0.53
N MET B 41 2.63 10.93 -0.60
CA MET B 41 1.99 10.64 -1.87
C MET B 41 1.44 11.94 -2.45
N GLN B 42 0.69 12.70 -1.64
CA GLN B 42 0.10 13.96 -2.08
C GLN B 42 1.12 14.95 -2.66
N GLU B 43 2.29 15.02 -2.02
CA GLU B 43 3.32 15.96 -2.41
C GLU B 43 4.20 15.45 -3.55
N TYR B 44 4.51 14.15 -3.53
CA TYR B 44 5.55 13.61 -4.41
C TYR B 44 5.11 12.69 -5.55
N ALA B 45 3.83 12.29 -5.54
CA ALA B 45 3.31 11.41 -6.59
C ALA B 45 3.57 11.95 -8.01
N CYS B 46 3.54 13.28 -8.13
CA CYS B 46 3.72 13.95 -9.42
C CYS B 46 5.16 14.03 -9.92
N SER B 47 6.12 13.84 -9.02
CA SER B 47 7.53 14.03 -9.37
C SER B 47 8.42 12.80 -9.16
N CYS B 48 7.97 11.87 -8.31
CA CYS B 48 8.77 10.68 -8.01
C CYS B 48 8.05 9.38 -8.32
N ASP B 49 8.82 8.32 -8.58
CA ASP B 49 8.25 6.98 -8.69
C ASP B 49 7.96 6.46 -7.28
N VAL B 50 7.11 5.44 -7.14
CA VAL B 50 6.63 5.04 -5.81
C VAL B 50 7.72 4.57 -4.85
N GLU B 51 8.79 3.98 -5.40
CA GLU B 51 9.93 3.54 -4.61
C GLU B 51 10.62 4.72 -3.94
N GLU B 52 10.82 5.80 -4.71
CA GLU B 52 11.38 7.06 -4.19
C GLU B 52 10.53 7.62 -3.07
N ILE B 53 9.20 7.67 -3.29
CA ILE B 53 8.26 8.19 -2.30
C ILE B 53 8.38 7.42 -0.97
N PHE B 54 8.48 6.09 -1.07
CA PHE B 54 8.59 5.25 0.11
C PHE B 54 9.87 5.54 0.89
N ARG B 55 10.94 5.85 0.17
CA ARG B 55 12.21 6.24 0.79
C ARG B 55 12.05 7.55 1.55
N LYS B 56 11.33 8.49 0.95
CA LYS B 56 11.11 9.80 1.56
C LYS B 56 10.29 9.72 2.84
N VAL B 57 9.27 8.85 2.84
CA VAL B 57 8.52 8.52 4.04
C VAL B 57 9.47 7.98 5.11
N ARG B 58 10.33 7.03 4.72
CA ARG B 58 11.34 6.46 5.59
C ARG B 58 12.26 7.55 6.15
N PHE B 59 12.80 8.37 5.26
CA PHE B 59 13.65 9.49 5.66
C PHE B 59 12.93 10.41 6.64
N SER B 60 11.62 10.63 6.43
CA SER B 60 10.85 11.49 7.32
C SER B 60 10.73 10.93 8.74
N PHE B 61 10.97 9.62 8.88
CA PHE B 61 10.95 8.94 10.17
C PHE B 61 12.36 8.81 10.75
N GLU B 62 13.36 9.30 10.02
CA GLU B 62 14.76 9.14 10.41
C GLU B 62 15.06 9.62 11.84
N GLN B 63 14.51 10.77 12.21
CA GLN B 63 14.69 11.33 13.55
C GLN B 63 13.61 10.79 14.51
N PRO B 64 14.01 9.93 15.45
CA PRO B 64 13.05 9.27 16.34
C PRO B 64 12.64 10.15 17.51
N ASP B 65 11.35 10.16 17.83
CA ASP B 65 10.86 10.79 19.05
C ASP B 65 10.52 9.72 20.09
N GLY B 66 9.48 9.96 20.88
CA GLY B 66 9.06 9.00 21.90
C GLY B 66 8.37 7.77 21.33
N ARG B 67 7.77 7.94 20.16
CA ARG B 67 7.11 6.85 19.43
C ARG B 67 7.81 6.63 18.10
N ALA B 68 8.89 5.86 18.12
CA ALA B 68 9.73 5.66 16.93
C ALA B 68 9.36 4.41 16.13
N GLN B 69 9.37 4.56 14.81
CA GLN B 69 9.16 3.44 13.89
C GLN B 69 9.87 3.71 12.57
N MET B 70 10.23 2.63 11.87
CA MET B 70 10.96 2.72 10.60
C MET B 70 10.30 1.82 9.55
N PRO B 71 9.46 2.43 8.71
CA PRO B 71 8.79 1.72 7.62
C PRO B 71 9.76 0.96 6.72
N THR B 72 9.34 -0.19 6.22
CA THR B 72 10.23 -1.08 5.48
C THR B 72 9.65 -1.48 4.13
N THR B 73 10.45 -1.32 3.09
CA THR B 73 10.09 -1.82 1.77
C THR B 73 10.52 -3.27 1.68
N GLU B 74 9.63 -4.12 1.19
CA GLU B 74 9.82 -5.57 1.19
C GLU B 74 9.52 -6.19 -0.16
N ARG B 75 10.14 -7.34 -0.42
CA ARG B 75 9.84 -8.18 -1.58
C ARG B 75 9.65 -7.41 -2.88
N VAL B 76 10.63 -6.57 -3.21
CA VAL B 76 10.55 -5.73 -4.41
C VAL B 76 11.00 -6.47 -5.66
N THR B 77 10.08 -6.60 -6.61
CA THR B 77 10.38 -7.15 -7.94
C THR B 77 9.96 -6.20 -9.07
N LEU B 78 9.93 -4.90 -8.76
CA LEU B 78 9.72 -3.88 -9.79
C LEU B 78 10.94 -3.82 -10.71
N THR B 79 10.69 -3.98 -12.00
CA THR B 79 11.75 -3.94 -13.02
C THR B 79 11.85 -2.55 -13.62
N ARG B 80 10.85 -1.72 -13.33
CA ARG B 80 10.74 -0.38 -13.88
C ARG B 80 10.40 0.62 -12.77
N CYS B 81 10.47 1.90 -13.10
CA CYS B 81 9.99 2.93 -12.20
C CYS B 81 8.48 3.06 -12.38
N PHE B 82 7.76 3.16 -11.27
CA PHE B 82 6.32 3.35 -11.31
C PHE B 82 5.95 4.80 -10.94
N TYR B 83 5.72 5.63 -11.95
CA TYR B 83 5.22 6.98 -11.77
C TYR B 83 3.70 7.01 -11.89
N LEU B 84 3.04 7.65 -10.92
CA LEU B 84 1.58 7.68 -10.85
C LEU B 84 0.99 8.66 -11.87
N PHE B 85 1.78 9.65 -12.26
CA PHE B 85 1.34 10.73 -13.16
C PHE B 85 -0.04 11.30 -12.77
N PRO B 86 -0.22 11.75 -11.53
CA PRO B 86 -1.53 12.29 -11.13
C PRO B 86 -2.01 13.38 -12.07
N GLY B 87 -3.29 13.32 -12.45
CA GLY B 87 -3.83 14.22 -13.46
C GLY B 87 -3.90 13.56 -14.81
N HIS B 88 -3.26 12.40 -14.92
CA HIS B 88 -3.26 11.61 -16.15
C HIS B 88 -3.58 10.17 -15.81
O37 OQB C . -3.01 -0.86 15.12
C9 OQB C . -1.91 -0.69 14.53
O33 OQB C . -1.81 0.12 13.58
C10 OQB C . -0.69 -1.46 14.98
C27 OQB C . -0.79 -1.87 16.44
C28 OQB C . -0.01 -3.15 16.68
O35 OQB C . -0.42 -4.22 16.23
N3 OQB C . -0.34 -0.81 17.33
C16 OQB C . -0.95 -0.60 18.50
O34 OQB C . -1.64 -1.46 19.03
C21 OQB C . -0.80 0.73 19.20
C12 OQB C . -0.47 1.90 18.49
N1 OQB C . -0.34 3.08 19.13
C23 OQB C . -0.98 0.81 20.57
C24 OQB C . -0.84 2.05 21.20
C14 OQB C . -0.52 3.18 20.46
C19 OQB C . -0.37 4.51 21.19
N6 OQB C . -0.21 5.64 20.27
C15 OQB C . 0.58 6.66 20.59
O36 OQB C . 1.35 6.59 21.54
C20 OQB C . 0.55 7.93 19.79
C22 OQB C . 0.90 9.15 20.40
C26 OQB C . 0.19 7.93 18.45
C25 OQB C . 0.17 9.12 17.71
C11 OQB C . 0.52 10.33 18.32
C8 OQB C . 0.89 10.33 19.67
N2 OQB C . 0.51 11.53 17.66
C13 OQB C . 0.19 11.77 16.36
C29 OQB C . 0.27 13.10 15.90
N4 OQB C . -0.05 13.39 14.63
N5 OQB C . -0.19 10.80 15.51
C32 OQB C . -0.55 11.10 14.25
C31 OQB C . -0.46 12.42 13.80
C17 OQB C . -0.99 10.10 13.39
C30 OQB C . -1.36 10.42 12.08
C18 OQB C . -1.28 11.73 11.63
C7 OQB C . -0.83 12.74 12.48
#